data_9KM1
#
_entry.id   9KM1
#
_cell.length_a   29.820
_cell.length_b   68.290
_cell.length_c   145.650
_cell.angle_alpha   90.00
_cell.angle_beta   90.00
_cell.angle_gamma   90.00
#
_symmetry.space_group_name_H-M   'P 2 21 21'
#
loop_
_entity.id
_entity.type
_entity.pdbx_description
1 polymer 'Bromodomain-containing protein 9'
2 non-polymer 1-[1-[4-(imidazol-1-ylmethyl)-3,5-dimethoxy-phenyl]indolizin-3-yl]propan-1-one
3 non-polymer 1,2-ETHANEDIOL
4 water water
#
_entity_poly.entity_id   1
_entity_poly.type   'polypeptide(L)'
_entity_poly.pdbx_seq_one_letter_code
;MKKGHHHHHHENLYFQGGSLKLSAENESTPIQQLLEHFLRQLQRKDPHGFFAFPVTDAIAPGYSMIIKHPMDFGTMKDKI
VANEYKSVTEFKADFKLMCDNAMTYNRPDTVYYKLAKKILHAGFKMMSKERLLALKRSMSFMQDMDFSQ
;
_entity_poly.pdbx_strand_id   A,B
#
loop_
_chem_comp.id
_chem_comp.type
_chem_comp.name
_chem_comp.formula
A1EFZ non-polymer 1-[1-[4-(imidazol-1-ylmethyl)-3,5-dimethoxy-phenyl]indolizin-3-yl]propan-1-one 'C23 H23 N3 O3'
EDO non-polymer 1,2-ETHANEDIOL 'C2 H6 O2'
#
# COMPACT_ATOMS: atom_id res chain seq x y z
N SER A 28 -21.08 -10.00 18.54
CA SER A 28 -19.88 -9.80 19.43
C SER A 28 -19.50 -11.09 20.17
N THR A 29 -19.52 -12.20 19.44
CA THR A 29 -19.36 -13.53 20.02
C THR A 29 -17.89 -13.83 20.40
N PRO A 30 -17.63 -14.95 21.12
CA PRO A 30 -16.24 -15.37 21.38
C PRO A 30 -15.44 -15.75 20.12
N ILE A 31 -16.09 -16.28 19.07
CA ILE A 31 -15.43 -16.56 17.79
C ILE A 31 -15.11 -15.24 17.03
N GLN A 32 -16.06 -14.30 17.00
CA GLN A 32 -15.84 -12.99 16.38
C GLN A 32 -14.70 -12.18 17.03
N GLN A 33 -14.53 -12.31 18.35
CA GLN A 33 -13.34 -11.78 19.04
C GLN A 33 -12.06 -12.41 18.50
N LEU A 34 -12.06 -13.74 18.41
CA LEU A 34 -10.85 -14.49 18.05
C LEU A 34 -10.42 -14.24 16.60
N LEU A 35 -11.38 -14.23 15.68
CA LEU A 35 -11.09 -14.04 14.27
C LEU A 35 -10.71 -12.62 13.92
N GLU A 36 -11.30 -11.64 14.61
CA GLU A 36 -10.88 -10.25 14.44
C GLU A 36 -9.45 -10.06 14.95
N HIS A 37 -9.09 -10.69 16.05
CA HIS A 37 -7.70 -10.68 16.54
C HIS A 37 -6.75 -11.30 15.49
N PHE A 38 -7.16 -12.43 14.92
CA PHE A 38 -6.38 -13.09 13.86
C PHE A 38 -6.22 -12.20 12.62
N LEU A 39 -7.31 -11.55 12.22
CA LEU A 39 -7.33 -10.72 11.03
C LEU A 39 -6.42 -9.52 11.15
N ARG A 40 -6.52 -8.79 12.27
CA ARG A 40 -5.68 -7.62 12.54
C ARG A 40 -4.20 -7.98 12.51
N GLN A 41 -3.83 -9.11 13.10
CA GLN A 41 -2.41 -9.55 13.11
C GLN A 41 -1.85 -9.85 11.72
N LEU A 42 -2.71 -10.34 10.84
CA LEU A 42 -2.34 -10.65 9.45
C LEU A 42 -2.35 -9.36 8.61
N GLN A 43 -3.39 -8.55 8.79
CA GLN A 43 -3.50 -7.26 8.10
C GLN A 43 -2.29 -6.35 8.38
N ARG A 44 -1.74 -6.45 9.59
CA ARG A 44 -0.52 -5.71 9.95
C ARG A 44 0.71 -6.13 9.16
N LYS A 45 0.72 -7.35 8.62
CA LYS A 45 1.78 -7.79 7.70
C LYS A 45 1.61 -7.29 6.25
N ASP A 46 0.53 -6.55 5.97
CA ASP A 46 0.25 -6.02 4.64
C ASP A 46 0.07 -4.49 4.70
N PRO A 47 1.15 -3.77 5.07
CA PRO A 47 1.04 -2.31 5.27
C PRO A 47 0.61 -1.53 4.04
N HIS A 48 1.04 -1.97 2.84
CA HIS A 48 0.65 -1.30 1.59
C HIS A 48 -0.77 -1.65 1.08
N GLY A 49 -1.40 -2.67 1.70
CA GLY A 49 -2.80 -2.97 1.45
C GLY A 49 -3.08 -3.62 0.12
N PHE A 50 -2.25 -4.57 -0.29
CA PHE A 50 -2.45 -5.28 -1.56
C PHE A 50 -3.54 -6.32 -1.43
N PHE A 51 -3.78 -6.78 -0.21
CA PHE A 51 -4.80 -7.77 0.09
C PHE A 51 -6.07 -7.13 0.65
N ALA A 52 -6.24 -5.83 0.49
CA ALA A 52 -7.23 -5.07 1.26
C ALA A 52 -8.56 -5.00 0.56
N PHE A 53 -8.55 -5.07 -0.76
CA PHE A 53 -9.79 -5.19 -1.53
C PHE A 53 -9.51 -5.99 -2.83
N PRO A 54 -10.56 -6.33 -3.60
CA PRO A 54 -10.33 -7.21 -4.75
C PRO A 54 -9.37 -6.68 -5.82
N VAL A 55 -8.54 -7.58 -6.33
CA VAL A 55 -7.66 -7.30 -7.46
C VAL A 55 -8.55 -7.14 -8.68
N THR A 56 -8.25 -6.16 -9.54
CA THR A 56 -9.00 -5.95 -10.79
C THR A 56 -8.11 -6.30 -11.94
N ASP A 57 -8.73 -6.45 -13.11
CA ASP A 57 -8.00 -6.76 -14.34
C ASP A 57 -7.25 -5.54 -14.84
N ALA A 58 -7.71 -4.35 -14.44
CA ALA A 58 -7.01 -3.10 -14.75
C ALA A 58 -5.58 -3.11 -14.20
N ILE A 59 -5.42 -3.53 -12.95
CA ILE A 59 -4.09 -3.63 -12.34
C ILE A 59 -3.42 -5.00 -12.50
N ALA A 60 -4.19 -6.05 -12.80
CA ALA A 60 -3.63 -7.40 -13.00
C ALA A 60 -4.30 -8.05 -14.22
N PRO A 61 -3.70 -7.91 -15.41
CA PRO A 61 -4.31 -8.44 -16.61
C PRO A 61 -4.64 -9.94 -16.50
N GLY A 62 -5.79 -10.35 -17.02
CA GLY A 62 -6.18 -11.75 -17.01
C GLY A 62 -6.51 -12.36 -15.66
N TYR A 63 -6.68 -11.53 -14.62
CA TYR A 63 -6.87 -12.06 -13.27
C TYR A 63 -8.15 -12.87 -13.17
N SER A 64 -9.23 -12.32 -13.73
CA SER A 64 -10.55 -12.95 -13.65
C SER A 64 -10.67 -14.26 -14.44
N MET A 65 -9.76 -14.49 -15.40
CA MET A 65 -9.70 -15.74 -16.16
C MET A 65 -8.94 -16.81 -15.38
N ILE A 66 -7.83 -16.40 -14.76
CA ILE A 66 -6.94 -17.30 -13.99
C ILE A 66 -7.48 -17.66 -12.60
N ILE A 67 -8.13 -16.71 -11.94
CA ILE A 67 -8.58 -16.86 -10.55
C ILE A 67 -10.08 -16.72 -10.54
N LYS A 68 -10.76 -17.81 -10.16
CA LYS A 68 -12.22 -17.85 -10.18
C LYS A 68 -12.81 -17.67 -8.79
N HIS A 69 -12.00 -17.84 -7.75
CA HIS A 69 -12.46 -17.71 -6.37
C HIS A 69 -11.61 -16.68 -5.65
N PRO A 70 -11.79 -15.38 -6.01
CA PRO A 70 -10.98 -14.33 -5.42
C PRO A 70 -11.35 -14.11 -3.95
N MET A 71 -10.38 -13.64 -3.18
CA MET A 71 -10.56 -13.43 -1.76
C MET A 71 -9.62 -12.31 -1.36
N ASP A 72 -10.07 -11.50 -0.41
CA ASP A 72 -9.26 -10.40 0.12
C ASP A 72 -9.61 -10.19 1.58
N PHE A 73 -8.79 -9.41 2.29
CA PHE A 73 -9.08 -9.03 3.67
C PHE A 73 -10.37 -8.23 3.81
N GLY A 74 -10.69 -7.38 2.83
CA GLY A 74 -11.96 -6.64 2.83
C GLY A 74 -13.17 -7.54 2.98
N THR A 75 -13.32 -8.45 2.01
CA THR A 75 -14.32 -9.52 2.01
C THR A 75 -14.32 -10.32 3.31
N MET A 76 -13.14 -10.68 3.81
CA MET A 76 -13.05 -11.42 5.08
C MET A 76 -13.56 -10.62 6.28
N LYS A 77 -13.42 -9.29 6.24
CA LYS A 77 -13.92 -8.40 7.32
C LYS A 77 -15.45 -8.30 7.25
N ASP A 78 -16.02 -8.20 6.05
CA ASP A 78 -17.48 -8.20 5.87
C ASP A 78 -18.17 -9.47 6.39
N LYS A 79 -17.46 -10.60 6.29
CA LYS A 79 -17.93 -11.89 6.81
C LYS A 79 -17.77 -12.00 8.32
N ILE A 80 -16.81 -11.27 8.87
CA ILE A 80 -16.63 -11.20 10.33
C ILE A 80 -17.73 -10.33 10.95
N VAL A 81 -18.07 -9.19 10.34
CA VAL A 81 -19.18 -8.35 10.84
C VAL A 81 -20.51 -9.09 10.74
N ALA A 82 -20.77 -9.70 9.59
CA ALA A 82 -22.02 -10.45 9.36
C ALA A 82 -22.01 -11.89 9.95
N ASN A 83 -21.04 -12.18 10.83
CA ASN A 83 -20.99 -13.43 11.61
C ASN A 83 -21.01 -14.73 10.79
N GLU A 84 -20.57 -14.66 9.52
CA GLU A 84 -20.64 -15.81 8.61
C GLU A 84 -19.58 -16.91 8.84
N TYR A 85 -18.63 -16.70 9.75
CA TYR A 85 -17.63 -17.73 10.07
C TYR A 85 -18.07 -18.54 11.30
N LYS A 86 -18.39 -19.81 11.06
CA LYS A 86 -18.87 -20.71 12.12
C LYS A 86 -17.72 -21.32 12.92
N SER A 87 -16.56 -21.46 12.30
CA SER A 87 -15.37 -21.99 12.96
C SER A 87 -14.11 -21.25 12.51
N VAL A 88 -13.02 -21.49 13.23
CA VAL A 88 -11.69 -21.05 12.85
C VAL A 88 -11.34 -21.57 11.46
N THR A 89 -11.63 -22.84 11.20
CA THR A 89 -11.31 -23.50 9.94
C THR A 89 -11.94 -22.84 8.70
N GLU A 90 -13.15 -22.31 8.85
CA GLU A 90 -13.82 -21.56 7.79
C GLU A 90 -13.05 -20.27 7.46
N PHE A 91 -12.50 -19.63 8.51
CA PHE A 91 -11.66 -18.44 8.38
C PHE A 91 -10.34 -18.76 7.66
N LYS A 92 -9.60 -19.73 8.21
CA LYS A 92 -8.39 -20.26 7.57
C LYS A 92 -8.60 -20.62 6.10
N ALA A 93 -9.74 -21.22 5.77
CA ALA A 93 -10.01 -21.69 4.42
C ALA A 93 -9.92 -20.52 3.45
N ASP A 94 -10.60 -19.44 3.79
CA ASP A 94 -10.53 -18.18 3.03
C ASP A 94 -9.14 -17.57 3.00
N PHE A 95 -8.50 -17.53 4.17
CA PHE A 95 -7.11 -17.08 4.31
C PHE A 95 -6.20 -17.83 3.35
N LYS A 96 -6.30 -19.16 3.36
CA LYS A 96 -5.54 -20.01 2.46
C LYS A 96 -5.85 -19.73 1.00
N LEU A 97 -7.13 -19.47 0.70
CA LEU A 97 -7.55 -19.19 -0.67
C LEU A 97 -6.91 -17.90 -1.21
N MET A 98 -6.94 -16.85 -0.40
CA MET A 98 -6.33 -15.53 -0.72
C MET A 98 -4.86 -15.68 -1.06
N CYS A 99 -4.15 -16.40 -0.20
CA CYS A 99 -2.71 -16.59 -0.38
C CYS A 99 -2.43 -17.49 -1.57
N ASP A 100 -3.23 -18.54 -1.75
CA ASP A 100 -3.09 -19.46 -2.87
C ASP A 100 -3.34 -18.77 -4.20
N ASN A 101 -4.31 -17.85 -4.25
CA ASN A 101 -4.59 -17.09 -5.47
C ASN A 101 -3.38 -16.28 -5.88
N ALA A 102 -2.81 -15.59 -4.90
CA ALA A 102 -1.59 -14.82 -5.06
C ALA A 102 -0.44 -15.66 -5.55
N MET A 103 -0.26 -16.84 -4.96
CA MET A 103 0.84 -17.73 -5.33
C MET A 103 0.55 -18.52 -6.61
N THR A 104 -0.67 -18.44 -7.12
CA THR A 104 -1.04 -19.03 -8.41
C THR A 104 -0.92 -18.02 -9.54
N TYR A 105 -1.45 -16.82 -9.36
CA TYR A 105 -1.42 -15.77 -10.41
C TYR A 105 -0.03 -15.13 -10.60
N ASN A 106 0.67 -14.81 -9.52
CA ASN A 106 1.94 -14.08 -9.59
C ASN A 106 3.17 -14.99 -9.66
N ARG A 107 4.23 -14.52 -10.31
CA ARG A 107 5.50 -15.26 -10.34
C ARG A 107 6.20 -15.13 -8.98
N PRO A 108 7.08 -16.09 -8.61
CA PRO A 108 7.75 -16.08 -7.29
C PRO A 108 8.59 -14.84 -7.00
N ASP A 109 9.16 -14.22 -8.03
CA ASP A 109 10.04 -13.05 -7.86
C ASP A 109 9.29 -11.75 -7.55
N THR A 110 7.96 -11.76 -7.62
CA THR A 110 7.17 -10.55 -7.45
C THR A 110 6.90 -10.28 -5.99
N VAL A 111 6.60 -9.01 -5.70
CA VAL A 111 6.24 -8.54 -4.37
C VAL A 111 4.99 -9.24 -3.80
N TYR A 112 3.99 -9.42 -4.64
CA TYR A 112 2.70 -9.95 -4.22
C TYR A 112 2.82 -11.42 -3.84
N TYR A 113 3.68 -12.16 -4.53
CA TYR A 113 3.90 -13.55 -4.22
C TYR A 113 4.57 -13.68 -2.87
N LYS A 114 5.69 -12.98 -2.72
CA LYS A 114 6.52 -13.09 -1.51
C LYS A 114 5.74 -12.70 -0.27
N LEU A 115 4.95 -11.65 -0.39
CA LEU A 115 4.06 -11.21 0.69
C LEU A 115 2.99 -12.28 1.06
N ALA A 116 2.39 -12.89 0.05
CA ALA A 116 1.47 -14.00 0.24
C ALA A 116 2.13 -15.17 0.99
N LYS A 117 3.33 -15.54 0.59
CA LYS A 117 4.05 -16.66 1.22
C LYS A 117 4.41 -16.37 2.66
N LYS A 118 4.79 -15.15 3.00
CA LYS A 118 5.07 -14.77 4.40
C LYS A 118 3.78 -14.85 5.19
N ILE A 119 2.76 -14.21 4.68
CA ILE A 119 1.45 -14.18 5.32
C ILE A 119 0.87 -15.62 5.54
N LEU A 120 1.08 -16.49 4.57
CA LEU A 120 0.67 -17.90 4.67
C LEU A 120 1.34 -18.59 5.85
N HIS A 121 2.67 -18.54 5.88
CA HIS A 121 3.49 -19.14 6.94
C HIS A 121 3.12 -18.57 8.31
N ALA A 122 2.89 -17.27 8.39
CA ALA A 122 2.53 -16.64 9.66
C ALA A 122 1.16 -17.09 10.15
N GLY A 123 0.23 -17.28 9.23
CA GLY A 123 -1.09 -17.80 9.58
C GLY A 123 -1.09 -19.25 10.06
N PHE A 124 -0.27 -20.11 9.47
CA PHE A 124 -0.13 -21.51 9.87
C PHE A 124 0.41 -21.66 11.30
N LYS A 125 1.38 -20.83 11.66
CA LYS A 125 1.88 -20.77 13.02
C LYS A 125 0.85 -20.16 13.96
N MET A 126 0.17 -19.11 13.51
CA MET A 126 -0.82 -18.40 14.32
C MET A 126 -2.06 -19.24 14.67
N MET A 127 -2.42 -20.19 13.80
CA MET A 127 -3.65 -20.93 13.91
C MET A 127 -3.38 -22.42 13.61
N SER A 128 -2.40 -23.01 14.29
CA SER A 128 -2.06 -24.39 14.09
C SER A 128 -2.94 -25.20 15.04
N LYS A 129 -2.74 -26.52 15.06
CA LYS A 129 -3.49 -27.43 15.94
C LYS A 129 -3.35 -27.06 17.44
N GLU A 130 -2.19 -26.53 17.85
CA GLU A 130 -2.03 -25.90 19.16
C GLU A 130 -2.68 -24.49 19.09
N ARG A 131 -3.97 -24.43 19.40
CA ARG A 131 -4.67 -23.18 19.72
C ARG A 131 -5.15 -23.11 21.19
N LEU A 132 -5.07 -24.25 21.91
CA LEU A 132 -5.23 -24.32 23.38
C LEU A 132 -6.68 -24.18 23.85
N SER B 28 12.19 23.06 15.45
CA SER B 28 10.72 23.18 15.69
C SER B 28 10.17 24.53 15.21
N THR B 29 10.63 24.96 14.03
CA THR B 29 10.37 26.30 13.52
C THR B 29 8.93 26.46 12.98
N PRO B 30 8.50 27.71 12.68
CA PRO B 30 7.20 27.90 12.01
C PRO B 30 7.07 27.27 10.61
N ILE B 31 8.17 27.19 9.87
CA ILE B 31 8.18 26.51 8.55
C ILE B 31 8.10 24.99 8.72
N GLN B 32 8.86 24.43 9.66
CA GLN B 32 8.81 22.98 9.98
C GLN B 32 7.42 22.51 10.44
N GLN B 33 6.70 23.36 11.17
CA GLN B 33 5.29 23.12 11.49
C GLN B 33 4.44 23.02 10.21
N LEU B 34 4.63 24.01 9.33
CA LEU B 34 3.78 24.14 8.14
C LEU B 34 4.00 23.02 7.13
N LEU B 35 5.26 22.64 6.91
CA LEU B 35 5.61 21.59 5.97
C LEU B 35 5.24 20.20 6.46
N GLU B 36 5.34 19.96 7.76
CA GLU B 36 4.87 18.69 8.34
C GLU B 36 3.35 18.57 8.20
N HIS B 37 2.64 19.68 8.40
CA HIS B 37 1.19 19.70 8.16
C HIS B 37 0.86 19.39 6.69
N PHE B 38 1.61 20.01 5.78
CA PHE B 38 1.46 19.74 4.34
C PHE B 38 1.75 18.29 3.98
N LEU B 39 2.82 17.74 4.56
CA LEU B 39 3.24 16.38 4.25
C LEU B 39 2.20 15.34 4.68
N ARG B 40 1.72 15.46 5.91
CA ARG B 40 0.66 14.56 6.43
C ARG B 40 -0.59 14.57 5.53
N GLN B 41 -1.01 15.76 5.10
CA GLN B 41 -2.20 15.90 4.23
C GLN B 41 -2.03 15.26 2.85
N LEU B 42 -0.79 15.25 2.35
CA LEU B 42 -0.45 14.61 1.08
C LEU B 42 -0.27 13.12 1.25
N GLN B 43 0.40 12.71 2.32
CA GLN B 43 0.56 11.29 2.65
C GLN B 43 -0.81 10.59 2.80
N ARG B 44 -1.81 11.30 3.30
CA ARG B 44 -3.19 10.81 3.37
C ARG B 44 -3.81 10.50 1.98
N LYS B 45 -3.33 11.15 0.93
CA LYS B 45 -3.74 10.83 -0.45
C LYS B 45 -3.03 9.63 -1.07
N ASP B 46 -2.11 9.01 -0.32
CA ASP B 46 -1.34 7.87 -0.79
C ASP B 46 -1.48 6.71 0.21
N PRO B 47 -2.72 6.19 0.37
CA PRO B 47 -2.96 5.20 1.42
C PRO B 47 -2.15 3.91 1.28
N HIS B 48 -1.89 3.47 0.05
CA HIS B 48 -1.07 2.28 -0.23
C HIS B 48 0.44 2.48 -0.14
N GLY B 49 0.88 3.74 -0.02
CA GLY B 49 2.28 4.07 0.27
C GLY B 49 3.23 3.84 -0.88
N PHE B 50 2.83 4.22 -2.09
CA PHE B 50 3.70 4.07 -3.26
C PHE B 50 4.79 5.13 -3.27
N PHE B 51 4.51 6.26 -2.61
CA PHE B 51 5.43 7.38 -2.54
C PHE B 51 6.18 7.41 -1.20
N ALA B 52 6.24 6.30 -0.48
CA ALA B 52 6.65 6.29 0.92
C ALA B 52 8.15 6.12 1.09
N PHE B 53 8.77 5.39 0.17
CA PHE B 53 10.20 5.24 0.15
C PHE B 53 10.69 5.05 -1.31
N PRO B 54 12.02 5.07 -1.55
CA PRO B 54 12.48 4.98 -2.94
C PRO B 54 12.06 3.74 -3.72
N VAL B 55 11.73 3.95 -4.98
CA VAL B 55 11.48 2.87 -5.92
C VAL B 55 12.81 2.20 -6.19
N THR B 56 12.83 0.87 -6.28
CA THR B 56 14.06 0.12 -6.59
C THR B 56 13.90 -0.51 -7.93
N ASP B 57 15.02 -0.96 -8.48
CA ASP B 57 15.04 -1.58 -9.79
C ASP B 57 14.47 -2.98 -9.72
N ALA B 58 14.50 -3.58 -8.53
CA ALA B 58 13.87 -4.88 -8.27
C ALA B 58 12.39 -4.84 -8.61
N ILE B 59 11.69 -3.81 -8.15
CA ILE B 59 10.26 -3.65 -8.44
C ILE B 59 9.96 -2.82 -9.70
N ALA B 60 10.92 -2.02 -10.17
CA ALA B 60 10.73 -1.19 -11.38
C ALA B 60 12.00 -1.24 -12.23
N PRO B 61 12.06 -2.17 -13.19
CA PRO B 61 13.27 -2.31 -14.00
C PRO B 61 13.71 -1.00 -14.65
N GLY B 62 15.01 -0.75 -14.68
CA GLY B 62 15.55 0.43 -15.34
C GLY B 62 15.29 1.77 -14.67
N TYR B 63 14.77 1.78 -13.44
CA TYR B 63 14.33 3.01 -12.83
C TYR B 63 15.51 3.96 -12.59
N SER B 64 16.62 3.42 -12.10
CA SER B 64 17.78 4.25 -11.75
C SER B 64 18.52 4.81 -12.97
N MET B 65 18.28 4.25 -14.15
CA MET B 65 18.85 4.78 -15.41
C MET B 65 17.96 5.91 -15.95
N ILE B 66 16.64 5.73 -15.87
CA ILE B 66 15.65 6.68 -16.40
C ILE B 66 15.42 7.89 -15.49
N ILE B 67 15.49 7.69 -14.18
CA ILE B 67 15.21 8.75 -13.21
C ILE B 67 16.48 8.97 -12.40
N LYS B 68 17.06 10.16 -12.54
CA LYS B 68 18.30 10.51 -11.90
C LYS B 68 18.13 11.37 -10.69
N HIS B 69 16.95 11.93 -10.50
CA HIS B 69 16.67 12.76 -9.32
C HIS B 69 15.43 12.18 -8.63
N PRO B 70 15.59 11.00 -7.99
CA PRO B 70 14.47 10.34 -7.33
C PRO B 70 14.06 11.10 -6.08
N MET B 71 12.80 10.98 -5.74
CA MET B 71 12.22 11.69 -4.61
C MET B 71 11.07 10.86 -4.09
N ASP B 72 10.86 10.89 -2.78
CA ASP B 72 9.74 10.21 -2.14
C ASP B 72 9.32 11.00 -0.90
N PHE B 73 8.17 10.67 -0.33
CA PHE B 73 7.73 11.27 0.92
C PHE B 73 8.67 10.96 2.09
N GLY B 74 9.25 9.75 2.11
CA GLY B 74 10.24 9.41 3.15
C GLY B 74 11.39 10.41 3.22
N THR B 75 12.11 10.55 2.10
CA THR B 75 13.15 11.55 1.88
C THR B 75 12.68 12.96 2.25
N MET B 76 11.48 13.34 1.84
CA MET B 76 10.95 14.66 2.17
C MET B 76 10.75 14.86 3.68
N LYS B 77 10.44 13.79 4.41
CA LYS B 77 10.29 13.83 5.88
C LYS B 77 11.66 13.99 6.56
N ASP B 78 12.67 13.27 6.07
CA ASP B 78 14.05 13.40 6.58
C ASP B 78 14.64 14.81 6.41
N LYS B 79 14.22 15.50 5.35
CA LYS B 79 14.61 16.89 5.10
C LYS B 79 13.84 17.87 5.97
N ILE B 80 12.63 17.49 6.39
CA ILE B 80 11.88 18.30 7.34
C ILE B 80 12.45 18.17 8.76
N VAL B 81 12.86 16.96 9.17
CA VAL B 81 13.53 16.77 10.48
C VAL B 81 14.88 17.52 10.51
N ALA B 82 15.68 17.35 9.46
CA ALA B 82 16.99 18.00 9.34
C ALA B 82 16.93 19.48 8.88
N ASN B 83 15.73 20.08 8.89
CA ASN B 83 15.51 21.51 8.65
C ASN B 83 16.03 22.04 7.30
N GLU B 84 16.17 21.16 6.30
CA GLU B 84 16.76 21.53 5.01
C GLU B 84 15.86 22.34 4.07
N TYR B 85 14.58 22.55 4.41
CA TYR B 85 13.68 23.36 3.59
C TYR B 85 13.60 24.80 4.12
N LYS B 86 14.19 25.73 3.37
CA LYS B 86 14.14 27.16 3.73
C LYS B 86 12.82 27.83 3.35
N SER B 87 12.13 27.32 2.33
CA SER B 87 10.83 27.88 1.95
C SER B 87 9.83 26.80 1.57
N VAL B 88 8.57 27.21 1.47
CA VAL B 88 7.49 26.38 0.93
C VAL B 88 7.84 25.90 -0.47
N THR B 89 8.35 26.81 -1.30
CA THR B 89 8.67 26.52 -2.70
C THR B 89 9.73 25.41 -2.88
N GLU B 90 10.70 25.34 -1.97
CA GLU B 90 11.67 24.24 -1.97
C GLU B 90 11.00 22.88 -1.69
N PHE B 91 9.99 22.89 -0.82
CA PHE B 91 9.18 21.70 -0.53
C PHE B 91 8.35 21.27 -1.76
N LYS B 92 7.56 22.20 -2.29
CA LYS B 92 6.84 22.00 -3.56
C LYS B 92 7.71 21.47 -4.70
N ALA B 93 8.93 21.99 -4.80
CA ALA B 93 9.84 21.62 -5.88
C ALA B 93 10.10 20.14 -5.86
N ASP B 94 10.43 19.62 -4.67
CA ASP B 94 10.59 18.18 -4.44
C ASP B 94 9.30 17.40 -4.70
N PHE B 95 8.20 17.90 -4.17
CA PHE B 95 6.89 17.34 -4.41
C PHE B 95 6.59 17.18 -5.90
N LYS B 96 6.82 18.25 -6.65
CA LYS B 96 6.68 18.23 -8.10
C LYS B 96 7.63 17.25 -8.78
N LEU B 97 8.85 17.13 -8.26
CA LEU B 97 9.85 16.22 -8.80
C LEU B 97 9.40 14.76 -8.67
N MET B 98 8.93 14.39 -7.49
CA MET B 98 8.39 13.05 -7.19
C MET B 98 7.29 12.66 -8.16
N CYS B 99 6.35 13.58 -8.37
CA CYS B 99 5.20 13.33 -9.23
C CYS B 99 5.63 13.30 -10.70
N ASP B 100 6.55 14.19 -11.07
CA ASP B 100 7.08 14.21 -12.43
C ASP B 100 7.85 12.92 -12.78
N ASN B 101 8.60 12.39 -11.80
CA ASN B 101 9.33 11.13 -11.99
C ASN B 101 8.37 10.00 -12.30
N ALA B 102 7.30 9.94 -11.49
CA ALA B 102 6.22 8.98 -11.66
C ALA B 102 5.56 9.09 -13.02
N MET B 103 5.28 10.31 -13.47
CA MET B 103 4.63 10.51 -14.76
C MET B 103 5.61 10.39 -15.95
N THR B 104 6.91 10.31 -15.67
CA THR B 104 7.93 10.08 -16.68
C THR B 104 8.27 8.59 -16.82
N TYR B 105 8.45 7.89 -15.71
CA TYR B 105 8.80 6.46 -15.74
C TYR B 105 7.60 5.57 -16.11
N ASN B 106 6.43 5.82 -15.53
CA ASN B 106 5.25 4.97 -15.71
C ASN B 106 4.34 5.43 -16.86
N ARG B 107 3.70 4.46 -17.52
CA ARG B 107 2.74 4.76 -18.58
C ARG B 107 1.44 5.33 -17.98
N PRO B 108 0.66 6.08 -18.77
CA PRO B 108 -0.59 6.70 -18.27
C PRO B 108 -1.63 5.72 -17.75
N ASP B 109 -1.65 4.49 -18.27
CA ASP B 109 -2.61 3.47 -17.83
C ASP B 109 -2.35 2.89 -16.43
N THR B 110 -1.19 3.18 -15.83
CA THR B 110 -0.80 2.58 -14.57
C THR B 110 -1.37 3.34 -13.42
N VAL B 111 -1.47 2.65 -12.28
CA VAL B 111 -1.98 3.31 -11.04
C VAL B 111 -1.03 4.36 -10.51
N TYR B 112 0.27 4.14 -10.68
CA TYR B 112 1.30 5.06 -10.20
C TYR B 112 1.24 6.41 -10.91
N TYR B 113 0.97 6.37 -12.20
CA TYR B 113 0.84 7.58 -12.99
C TYR B 113 -0.37 8.37 -12.54
N LYS B 114 -1.53 7.69 -12.53
CA LYS B 114 -2.79 8.35 -12.27
C LYS B 114 -2.78 8.99 -10.89
N LEU B 115 -2.25 8.27 -9.91
CA LEU B 115 -2.10 8.77 -8.54
C LEU B 115 -1.19 10.01 -8.49
N ALA B 116 -0.06 9.97 -9.18
CA ALA B 116 0.84 11.10 -9.28
C ALA B 116 0.15 12.34 -9.83
N LYS B 117 -0.61 12.18 -10.92
CA LYS B 117 -1.29 13.33 -11.53
C LYS B 117 -2.34 13.96 -10.62
N LYS B 118 -3.11 13.14 -9.91
CA LYS B 118 -4.13 13.64 -8.99
C LYS B 118 -3.45 14.38 -7.86
N ILE B 119 -2.48 13.69 -7.25
CA ILE B 119 -1.79 14.19 -6.09
C ILE B 119 -1.03 15.47 -6.42
N LEU B 120 -0.44 15.58 -7.61
CA LEU B 120 0.22 16.81 -8.06
C LEU B 120 -0.71 17.99 -8.07
N HIS B 121 -1.83 17.84 -8.79
CA HIS B 121 -2.83 18.90 -8.91
C HIS B 121 -3.40 19.31 -7.53
N ALA B 122 -3.66 18.32 -6.69
CA ALA B 122 -4.21 18.57 -5.36
C ALA B 122 -3.22 19.29 -4.47
N GLY B 123 -1.95 18.94 -4.59
CA GLY B 123 -0.88 19.56 -3.82
C GLY B 123 -0.63 21.01 -4.16
N PHE B 124 -0.71 21.35 -5.45
CA PHE B 124 -0.50 22.75 -5.85
C PHE B 124 -1.63 23.68 -5.41
N LYS B 125 -2.86 23.18 -5.41
CA LYS B 125 -3.98 23.92 -4.83
C LYS B 125 -3.89 23.98 -3.31
N MET B 126 -3.44 22.89 -2.68
CA MET B 126 -3.33 22.83 -1.23
C MET B 126 -2.32 23.82 -0.62
N MET B 127 -1.29 24.19 -1.38
CA MET B 127 -0.26 25.10 -0.84
C MET B 127 0.15 26.14 -1.87
N SER B 128 -0.82 26.86 -2.41
CA SER B 128 -0.50 28.09 -3.16
C SER B 128 -1.43 29.24 -2.83
N LYS B 129 -0.87 30.45 -2.69
CA LYS B 129 -1.65 31.67 -2.49
C LYS B 129 -2.57 31.62 -1.26
N GLU B 130 -2.13 30.93 -0.20
CA GLU B 130 -2.98 30.71 1.01
C GLU B 130 -2.44 31.37 2.28
N ARG B 131 -3.36 31.65 3.21
CA ARG B 131 -3.01 32.18 4.54
C ARG B 131 -4.21 32.09 5.49
CBC A1EFZ C . -2.21 -9.84 -3.53
CAK A1EFZ C . -3.21 -9.88 -4.65
CAJ A1EFZ C . -2.33 -9.62 -5.87
OAL A1EFZ C . -1.87 -10.59 -6.47
CAG A1EFZ C . -2.19 -8.33 -6.27
CAH A1EFZ C . -2.54 -7.24 -5.57
NAD A1EFZ C . -1.69 -7.92 -7.45
CAC A1EFZ C . -1.20 -8.70 -8.54
CAB A1EFZ C . -0.75 -8.05 -9.67
CAA A1EFZ C . -0.80 -6.66 -9.67
CAF A1EFZ C . -1.30 -5.96 -8.58
CAE A1EFZ C . -1.73 -6.57 -7.48
CAI A1EFZ C . -2.25 -6.17 -6.30
CAM A1EFZ C . -2.51 -4.90 -5.93
CAR A1EFZ C . -1.67 -3.83 -6.21
CAQ A1EFZ C . -2.03 -2.50 -5.83
OAY A1EFZ C . -1.24 -1.43 -6.11
CAZ A1EFZ C . -0.81 -1.32 -7.46
CAN A1EFZ C . -3.69 -4.62 -5.24
CAO A1EFZ C . -4.03 -3.32 -4.83
OBA A1EFZ C . -5.18 -3.00 -4.18
CBB A1EFZ C . -5.79 -3.91 -3.27
CAP A1EFZ C . -3.21 -2.23 -5.13
CAS A1EFZ C . -3.56 -0.90 -4.73
NAT A1EFZ C . -4.40 -0.12 -5.76
CAU A1EFZ C . -4.83 -0.50 -6.97
CAV A1EFZ C . -5.53 0.48 -7.52
NAW A1EFZ C . -5.55 1.49 -6.65
CAX A1EFZ C . -4.85 1.11 -5.57
C1 EDO D . -0.07 -2.37 -12.11
O1 EDO D . -0.34 -0.95 -12.17
C2 EDO D . 0.01 -2.80 -10.63
O2 EDO D . 0.98 -3.84 -10.30
CBC A1EFZ E . 5.34 6.27 -7.34
CAK A1EFZ E . 6.65 5.65 -7.56
CAJ A1EFZ E . 6.34 4.59 -8.62
OAL A1EFZ E . 6.57 4.90 -9.81
CAG A1EFZ E . 6.17 3.32 -8.17
CAH A1EFZ E . 5.94 2.96 -6.89
NAD A1EFZ E . 6.32 2.21 -8.90
CAC A1EFZ E . 6.59 2.08 -10.29
CAB A1EFZ E . 6.67 0.81 -10.85
CAA A1EFZ E . 6.50 -0.28 -9.99
CAF A1EFZ E . 6.26 -0.09 -8.63
CAE A1EFZ E . 6.16 1.14 -8.08
CAI A1EFZ E . 5.90 1.61 -6.84
CAM A1EFZ E . 5.76 0.85 -5.70
CAR A1EFZ E . 5.19 -0.43 -5.66
CAQ A1EFZ E . 5.14 -1.21 -4.50
OAY A1EFZ E . 4.58 -2.47 -4.45
CAZ A1EFZ E . 4.03 -3.08 -5.64
CAN A1EFZ E . 6.31 1.31 -4.48
CAO A1EFZ E . 6.28 0.55 -3.29
OBA A1EFZ E . 6.79 1.00 -2.09
CBB A1EFZ E . 7.24 2.37 -1.94
CAP A1EFZ E . 5.69 -0.74 -3.28
CAS A1EFZ E . 5.62 -1.50 -2.08
NAT A1EFZ E . 6.85 -2.31 -1.82
CAU A1EFZ E . 8.11 -2.11 -2.19
CAV A1EFZ E . 8.85 -3.13 -1.73
NAW A1EFZ E . 8.05 -3.95 -1.07
CAX A1EFZ E . 6.81 -3.45 -1.13
C1 EDO F . 6.03 -6.19 -8.51
O1 EDO F . 7.09 -7.16 -8.38
C2 EDO F . 6.41 -5.08 -9.48
O2 EDO F . 5.81 -3.86 -9.05
#